data_2MN9
#
_entry.id   2MN9
#
_entity_poly.entity_id   1
_entity_poly.type   'polypeptide(L)'
_entity_poly.pdbx_seq_one_letter_code
;GLFGVLAKVAAH(I4G)VGAIAEHF(NH2)
;
_entity_poly.pdbx_strand_id   A
#
loop_
_chem_comp.id
_chem_comp.type
_chem_comp.name
_chem_comp.formula
NH2 non-polymer 'AMINO GROUP' 'H2 N'
#
# COMPACT_ATOMS: atom_id res chain seq x y z
N GLY A 1 3.58 -5.00 -17.22
CA GLY A 1 4.16 -5.94 -16.27
C GLY A 1 3.97 -5.49 -14.84
N LEU A 2 4.53 -4.33 -14.50
CA LEU A 2 4.43 -3.80 -13.15
C LEU A 2 3.14 -3.00 -12.98
N PHE A 3 2.48 -2.70 -14.09
CA PHE A 3 1.24 -1.94 -14.07
C PHE A 3 0.23 -2.58 -13.12
N GLY A 4 0.34 -3.89 -12.96
CA GLY A 4 -0.57 -4.61 -12.08
C GLY A 4 -0.02 -4.76 -10.67
N VAL A 5 1.28 -4.53 -10.51
CA VAL A 5 1.92 -4.64 -9.21
C VAL A 5 1.91 -3.30 -8.47
N LEU A 6 2.02 -2.23 -9.23
CA LEU A 6 2.02 -0.88 -8.65
C LEU A 6 0.64 -0.52 -8.11
N ALA A 7 -0.39 -0.82 -8.90
CA ALA A 7 -1.76 -0.53 -8.51
C ALA A 7 -2.10 -1.16 -7.15
N LYS A 8 -1.57 -2.34 -6.93
CA LYS A 8 -1.80 -3.05 -5.67
C LYS A 8 -1.38 -2.21 -4.47
N VAL A 9 -0.31 -1.43 -4.65
CA VAL A 9 0.19 -0.57 -3.59
C VAL A 9 -0.68 0.66 -3.42
N ALA A 10 -1.28 1.10 -4.52
CA ALA A 10 -2.15 2.27 -4.50
C ALA A 10 -3.50 1.95 -3.85
N ALA A 11 -3.82 0.66 -3.81
CA ALA A 11 -5.09 0.21 -3.22
C ALA A 11 -4.93 -0.07 -1.73
N HIS A 12 -3.69 -0.05 -1.26
CA HIS A 12 -3.40 -0.30 0.14
C HIS A 12 -3.66 0.94 1.00
N I4G A 13 -4.07 0.69 2.46
CB I4G A 13 -4.21 -0.66 3.03
CG I4G A 13 -5.67 -1.19 2.93
CD1 I4G A 13 -5.72 -2.55 2.19
CD2 I4G A 13 -6.28 -1.32 4.33
CA I4G A 13 -4.48 1.77 3.37
C I4G A 13 -3.42 2.24 4.33
O I4G A 13 -2.23 2.30 4.00
HB2 I4G A 13 -3.53 -1.36 2.53
HB3 I4G A 13 -3.91 -0.62 4.08
HG I4G A 13 -6.27 -0.46 2.37
HD13 I4G A 13 -5.11 -3.29 2.72
HD11 I4G A 13 -6.75 -2.91 2.16
HD12 I4G A 13 -5.35 -2.46 1.17
HD23 I4G A 13 -6.27 -0.36 4.85
HD22 I4G A 13 -5.70 -2.03 4.93
HD21 I4G A 13 -7.31 -1.67 4.28
HA2 I4G A 13 -4.79 2.65 2.81
HA3 I4G A 13 -5.33 1.44 3.98
N VAL A 14 -3.84 2.53 5.55
CA VAL A 14 -2.93 2.97 6.60
C VAL A 14 -3.36 2.44 7.96
N GLY A 15 -3.50 1.11 8.05
CA GLY A 15 -3.90 0.50 9.31
C GLY A 15 -2.73 0.26 10.23
N ALA A 16 -1.86 -0.67 9.86
CA ALA A 16 -0.69 -0.99 10.67
C ALA A 16 0.21 0.23 10.85
N ILE A 17 0.34 1.01 9.79
CA ILE A 17 1.18 2.21 9.84
C ILE A 17 0.68 3.19 10.90
N ALA A 18 -0.64 3.32 11.00
CA ALA A 18 -1.23 4.22 11.98
C ALA A 18 -0.86 3.80 13.41
N GLU A 19 -0.86 2.50 13.65
CA GLU A 19 -0.52 1.97 14.97
C GLU A 19 0.94 2.21 15.30
N HIS A 20 1.75 2.42 14.26
CA HIS A 20 3.17 2.66 14.43
C HIS A 20 3.42 4.01 15.11
N PHE A 21 2.52 4.94 14.88
CA PHE A 21 2.63 6.28 15.45
C PHE A 21 2.03 6.31 16.86
N NH2 A 22 1.01 5.24 17.18
HN1 NH2 A 22 0.81 4.58 16.43
HN2 NH2 A 22 0.59 5.22 18.08
N GLY A 1 3.05 -9.90 -14.21
CA GLY A 1 3.19 -8.57 -14.76
C GLY A 1 3.22 -7.50 -13.69
N LEU A 2 3.64 -6.30 -14.07
CA LEU A 2 3.71 -5.18 -13.13
C LEU A 2 2.37 -4.48 -13.01
N PHE A 3 1.46 -4.80 -13.92
CA PHE A 3 0.12 -4.21 -13.92
C PHE A 3 -0.54 -4.38 -12.56
N GLY A 4 -0.16 -5.44 -11.84
CA GLY A 4 -0.73 -5.69 -10.54
C GLY A 4 0.09 -5.11 -9.41
N VAL A 5 1.34 -4.74 -9.72
CA VAL A 5 2.23 -4.17 -8.73
C VAL A 5 2.13 -2.66 -8.71
N LEU A 6 2.23 -2.04 -9.88
CA LEU A 6 2.15 -0.59 -10.01
C LEU A 6 0.82 -0.07 -9.48
N ALA A 7 -0.26 -0.80 -9.77
CA ALA A 7 -1.58 -0.42 -9.32
C ALA A 7 -1.72 -0.56 -7.80
N LYS A 8 -1.04 -1.57 -7.26
CA LYS A 8 -1.08 -1.82 -5.82
C LYS A 8 -0.58 -0.60 -5.04
N VAL A 9 0.28 0.19 -5.68
CA VAL A 9 0.83 1.38 -5.05
C VAL A 9 -0.25 2.43 -4.84
N ALA A 10 -1.25 2.44 -5.71
CA ALA A 10 -2.34 3.40 -5.61
C ALA A 10 -3.42 2.89 -4.67
N ALA A 11 -3.44 1.59 -4.42
CA ALA A 11 -4.42 0.98 -3.53
C ALA A 11 -3.92 0.95 -2.09
N HIS A 12 -2.65 1.30 -1.91
CA HIS A 12 -2.05 1.32 -0.57
C HIS A 12 -2.55 2.51 0.24
N I4G A 13 -2.59 2.33 1.76
CB I4G A 13 -2.17 1.08 2.43
CG I4G A 13 -3.37 0.12 2.65
CD1 I4G A 13 -3.11 -1.28 2.04
CD2 I4G A 13 -3.66 -0.02 4.15
CA I4G A 13 -3.16 3.33 2.68
C I4G A 13 -2.25 3.74 3.81
O I4G A 13 -1.13 4.20 3.61
HB2 I4G A 13 -1.41 0.57 1.82
HB3 I4G A 13 -1.72 1.32 3.38
HG I4G A 13 -4.26 0.54 2.17
HD13 I4G A 13 -2.21 -1.72 2.48
HD11 I4G A 13 -3.95 -1.95 2.23
HD12 I4G A 13 -2.97 -1.21 0.96
HD23 I4G A 13 -3.88 0.96 4.60
HD22 I4G A 13 -2.79 -0.44 4.68
HD21 I4G A 13 -4.51 -0.67 4.33
HA2 I4G A 13 -3.41 4.23 2.13
HA3 I4G A 13 -4.07 2.93 3.14
N VAL A 14 -2.74 3.55 5.03
CA VAL A 14 -1.98 3.87 6.22
C VAL A 14 -2.25 2.87 7.34
N GLY A 15 -2.03 1.58 7.04
CA GLY A 15 -2.25 0.55 8.02
C GLY A 15 -1.05 0.34 8.94
N ALA A 16 0.13 0.29 8.35
CA ALA A 16 1.36 0.10 9.12
C ALA A 16 1.45 1.11 10.25
N ILE A 17 1.25 2.39 9.93
CA ILE A 17 1.31 3.45 10.92
C ILE A 17 0.28 3.24 12.02
N ALA A 18 -0.92 2.83 11.62
CA ALA A 18 -2.00 2.59 12.57
C ALA A 18 -1.66 1.44 13.51
N GLU A 19 -0.82 0.52 13.03
CA GLU A 19 -0.41 -0.62 13.83
C GLU A 19 0.59 -0.23 14.90
N HIS A 20 1.26 0.91 14.68
CA HIS A 20 2.25 1.41 15.63
C HIS A 20 1.57 2.07 16.83
N PHE A 21 0.41 2.69 16.59
CA PHE A 21 -0.33 3.35 17.65
C PHE A 21 -1.40 2.42 18.23
N NH2 A 22 -1.58 1.10 17.52
HN1 NH2 A 22 -0.99 0.93 16.71
HN2 NH2 A 22 -2.27 0.45 17.87
N GLY A 1 4.32 -7.06 -15.19
CA GLY A 1 5.33 -7.05 -14.14
C GLY A 1 4.90 -6.23 -12.94
N LEU A 2 5.09 -4.92 -13.03
CA LEU A 2 4.74 -4.02 -11.94
C LEU A 2 3.30 -3.53 -12.09
N PHE A 3 2.72 -3.77 -13.26
CA PHE A 3 1.34 -3.35 -13.54
C PHE A 3 0.39 -3.88 -12.47
N GLY A 4 0.76 -5.01 -11.86
CA GLY A 4 -0.08 -5.59 -10.83
C GLY A 4 0.33 -5.16 -9.43
N VAL A 5 1.53 -4.60 -9.32
CA VAL A 5 2.03 -4.13 -8.03
C VAL A 5 1.62 -2.68 -7.76
N LEU A 6 1.67 -1.86 -8.81
CA LEU A 6 1.29 -0.46 -8.68
C LEU A 6 -0.19 -0.31 -8.34
N ALA A 7 -1.00 -1.21 -8.88
CA ALA A 7 -2.44 -1.18 -8.63
C ALA A 7 -2.74 -1.43 -7.16
N LYS A 8 -1.83 -2.12 -6.48
CA LYS A 8 -2.00 -2.42 -5.06
C LYS A 8 -1.64 -1.22 -4.21
N VAL A 9 -0.65 -0.45 -4.65
CA VAL A 9 -0.22 0.74 -3.92
C VAL A 9 -1.27 1.85 -3.98
N ALA A 10 -2.02 1.88 -5.08
CA ALA A 10 -3.06 2.88 -5.27
C ALA A 10 -4.33 2.51 -4.50
N ALA A 11 -4.45 1.23 -4.14
CA ALA A 11 -5.61 0.75 -3.40
C ALA A 11 -5.28 0.59 -1.92
N HIS A 12 -4.01 0.75 -1.57
CA HIS A 12 -3.57 0.62 -0.19
C HIS A 12 -3.94 1.87 0.61
N I4G A 13 -4.19 1.65 2.12
CB I4G A 13 -4.07 0.34 2.77
CG I4G A 13 -5.44 -0.39 2.82
CD1 I4G A 13 -5.31 -1.86 2.37
CD2 I4G A 13 -5.99 -0.34 4.26
CA I4G A 13 -4.68 2.73 3.01
C I4G A 13 -3.65 3.25 3.98
O I4G A 13 -2.57 3.71 3.62
HB2 I4G A 13 -3.35 -0.29 2.23
HB3 I4G A 13 -3.69 0.49 3.79
HG I4G A 13 -6.14 0.12 2.16
HD13 I4G A 13 -4.58 -2.40 2.99
HD11 I4G A 13 -6.27 -2.37 2.44
HD12 I4G A 13 -4.98 -1.92 1.33
HD23 I4G A 13 -6.12 0.69 4.59
HD22 I4G A 13 -5.32 -0.84 4.96
HD21 I4G A 13 -6.96 -0.84 4.31
HA2 I4G A 13 -5.00 3.58 2.42
HA3 I4G A 13 -5.52 2.36 3.61
N VAL A 14 -4.00 3.15 5.27
CA VAL A 14 -3.11 3.59 6.33
C VAL A 14 -3.22 2.67 7.55
N GLY A 15 -3.01 1.38 7.33
CA GLY A 15 -3.09 0.42 8.42
C GLY A 15 -1.77 0.24 9.13
N ALA A 16 -0.80 -0.36 8.45
CA ALA A 16 0.52 -0.58 9.02
C ALA A 16 1.09 0.70 9.61
N ILE A 17 0.99 1.79 8.86
CA ILE A 17 1.50 3.07 9.31
C ILE A 17 0.87 3.48 10.63
N ALA A 18 -0.42 3.21 10.78
CA ALA A 18 -1.14 3.55 12.00
C ALA A 18 -0.83 2.56 13.11
N GLU A 19 -0.54 1.31 12.73
CA GLU A 19 -0.22 0.27 13.70
C GLU A 19 1.17 0.47 14.27
N HIS A 20 2.01 1.20 13.55
CA HIS A 20 3.38 1.47 13.99
C HIS A 20 3.39 2.45 15.15
N PHE A 21 2.45 3.39 15.14
CA PHE A 21 2.37 4.39 16.19
C PHE A 21 1.33 3.99 17.24
N NH2 A 22 0.60 2.69 16.98
HN1 NH2 A 22 0.84 2.20 16.13
HN2 NH2 A 22 -0.10 2.38 17.64
N GLY A 1 3.94 -6.48 -16.31
CA GLY A 1 5.02 -6.60 -15.34
C GLY A 1 4.72 -5.88 -14.04
N LEU A 2 5.04 -4.59 -14.00
CA LEU A 2 4.81 -3.77 -12.81
C LEU A 2 3.38 -3.25 -12.78
N PHE A 3 2.68 -3.39 -13.90
CA PHE A 3 1.29 -2.93 -14.00
C PHE A 3 0.45 -3.53 -12.88
N GLY A 4 0.85 -4.70 -12.40
CA GLY A 4 0.12 -5.37 -11.35
C GLY A 4 0.67 -5.05 -9.98
N VAL A 5 1.88 -4.51 -9.93
CA VAL A 5 2.52 -4.17 -8.68
C VAL A 5 2.21 -2.73 -8.28
N LEU A 6 1.92 -1.90 -9.28
CA LEU A 6 1.61 -0.49 -9.04
C LEU A 6 0.13 -0.31 -8.72
N ALA A 7 -0.69 -1.23 -9.21
CA ALA A 7 -2.12 -1.18 -8.98
C ALA A 7 -2.48 -1.73 -7.61
N LYS A 8 -1.80 -2.79 -7.22
CA LYS A 8 -2.04 -3.43 -5.93
C LYS A 8 -1.89 -2.42 -4.79
N VAL A 9 -1.08 -1.39 -5.02
CA VAL A 9 -0.86 -0.36 -4.02
C VAL A 9 -2.13 0.41 -3.73
N ALA A 10 -2.99 0.52 -4.74
CA ALA A 10 -4.25 1.25 -4.59
C ALA A 10 -5.15 0.58 -3.55
N ALA A 11 -4.86 -0.68 -3.26
CA ALA A 11 -5.64 -1.44 -2.29
C ALA A 11 -5.07 -1.28 -0.88
N HIS A 12 -3.90 -0.65 -0.80
CA HIS A 12 -3.24 -0.44 0.49
C HIS A 12 -3.76 0.84 1.15
N I4G A 13 -3.72 0.87 2.69
CB I4G A 13 -3.23 -0.26 3.49
CG I4G A 13 -4.37 -1.22 3.91
CD1 I4G A 13 -4.06 -2.68 3.49
CD2 I4G A 13 -4.57 -1.16 5.44
CA I4G A 13 -4.29 1.97 3.49
C I4G A 13 -3.28 2.80 4.23
O I4G A 13 -2.07 2.73 4.01
HB2 I4G A 13 -2.46 -0.82 2.94
HB3 I4G A 13 -2.74 0.14 4.39
HG I4G A 13 -5.30 -0.90 3.43
HD13 I4G A 13 -3.13 -3.01 3.93
HD11 I4G A 13 -4.87 -3.35 3.81
HD12 I4G A 13 -3.97 -2.75 2.40
HD23 I4G A 13 -4.82 -0.14 5.75
HD22 I4G A 13 -3.67 -1.47 5.96
HD21 I4G A 13 -5.40 -1.81 5.74
HA2 I4G A 13 -4.85 2.64 2.84
HA3 I4G A 13 -4.98 1.57 4.24
N VAL A 14 -3.80 3.62 5.15
CA VAL A 14 -2.96 4.48 5.97
C VAL A 14 -3.18 4.21 7.45
N GLY A 15 -3.99 3.20 7.75
CA GLY A 15 -4.28 2.86 9.13
C GLY A 15 -3.19 2.01 9.76
N ALA A 16 -2.64 1.09 8.98
CA ALA A 16 -1.58 0.22 9.47
C ALA A 16 -0.38 1.02 9.96
N ILE A 17 0.01 2.03 9.19
CA ILE A 17 1.14 2.87 9.55
C ILE A 17 0.90 3.57 10.88
N ALA A 18 -0.33 4.05 11.08
CA ALA A 18 -0.70 4.74 12.31
C ALA A 18 -0.77 3.77 13.48
N GLU A 19 -1.09 2.51 13.19
CA GLU A 19 -1.19 1.49 14.22
C GLU A 19 0.19 1.06 14.71
N HIS A 20 1.21 1.31 13.88
CA HIS A 20 2.58 0.96 14.23
C HIS A 20 3.11 1.85 15.34
N PHE A 21 2.87 3.16 15.20
CA PHE A 21 3.33 4.13 16.19
C PHE A 21 2.18 4.55 17.10
N NH2 A 22 1.10 5.39 16.47
HN1 NH2 A 22 1.22 5.62 15.49
HN2 NH2 A 22 0.32 5.70 17.04
N GLY A 1 2.67 -4.06 -17.73
CA GLY A 1 3.70 -4.78 -17.00
C GLY A 1 3.49 -4.68 -15.49
N LEU A 2 4.31 -3.86 -14.85
CA LEU A 2 4.22 -3.68 -13.40
C LEU A 2 3.22 -2.59 -13.05
N PHE A 3 2.79 -1.84 -14.06
CA PHE A 3 1.82 -0.76 -13.85
C PHE A 3 0.58 -1.29 -13.15
N GLY A 4 0.29 -2.57 -13.34
CA GLY A 4 -0.88 -3.16 -12.71
C GLY A 4 -0.55 -3.82 -11.39
N VAL A 5 0.74 -4.05 -11.14
CA VAL A 5 1.18 -4.68 -9.91
C VAL A 5 1.45 -3.64 -8.82
N LEU A 6 2.18 -2.60 -9.19
CA LEU A 6 2.52 -1.53 -8.25
C LEU A 6 1.26 -0.82 -7.77
N ALA A 7 0.22 -0.82 -8.61
CA ALA A 7 -1.04 -0.17 -8.27
C ALA A 7 -1.76 -0.93 -7.15
N LYS A 8 -1.60 -2.26 -7.15
CA LYS A 8 -2.24 -3.10 -6.15
C LYS A 8 -1.75 -2.74 -4.75
N VAL A 9 -0.50 -2.26 -4.67
CA VAL A 9 0.08 -1.88 -3.40
C VAL A 9 -0.63 -0.67 -2.80
N ALA A 10 -1.16 0.19 -3.66
CA ALA A 10 -1.87 1.38 -3.22
C ALA A 10 -3.25 1.02 -2.68
N ALA A 11 -3.74 -0.16 -3.06
CA ALA A 11 -5.06 -0.61 -2.61
C ALA A 11 -5.00 -1.13 -1.18
N HIS A 12 -3.79 -1.26 -0.65
CA HIS A 12 -3.59 -1.76 0.71
C HIS A 12 -3.80 -0.63 1.72
N I4G A 13 -4.31 -1.06 3.12
CB I4G A 13 -4.57 -2.47 3.47
CG I4G A 13 -6.05 -2.84 3.23
CD1 I4G A 13 -6.18 -4.18 2.46
CD2 I4G A 13 -6.80 -2.96 4.58
CA I4G A 13 -4.68 -0.11 4.18
C I4G A 13 -3.55 0.79 4.65
O I4G A 13 -2.42 0.74 4.16
HB2 I4G A 13 -3.92 -3.14 2.88
HB3 I4G A 13 -4.32 -2.62 4.53
HG I4G A 13 -6.54 -2.06 2.64
HD13 I4G A 13 -5.67 -4.98 3.00
HD11 I4G A 13 -7.22 -4.45 2.32
HD12 I4G A 13 -5.72 -4.10 1.47
HD23 I4G A 13 -6.74 -2.01 5.12
HD22 I4G A 13 -6.34 -3.74 5.19
HD21 I4G A 13 -7.84 -3.20 4.42
HA2 I4G A 13 -5.46 0.56 3.81
HA3 I4G A 13 -5.04 -0.64 5.05
N VAL A 14 -3.87 1.61 5.65
CA VAL A 14 -2.88 2.51 6.24
C VAL A 14 -2.73 2.23 7.73
N GLY A 15 -3.39 1.19 8.21
CA GLY A 15 -3.30 0.84 9.62
C GLY A 15 -1.87 0.67 10.09
N ALA A 16 -1.02 0.15 9.22
CA ALA A 16 0.38 -0.05 9.55
C ALA A 16 1.02 1.23 10.09
N ILE A 17 1.01 2.27 9.27
CA ILE A 17 1.58 3.55 9.65
C ILE A 17 0.89 4.11 10.89
N ALA A 18 -0.43 4.03 10.90
CA ALA A 18 -1.22 4.52 12.03
C ALA A 18 -0.85 3.80 13.32
N GLU A 19 -0.34 2.58 13.18
CA GLU A 19 0.05 1.79 14.34
C GLU A 19 1.35 2.31 14.94
N HIS A 20 2.11 3.04 14.14
CA HIS A 20 3.38 3.61 14.58
C HIS A 20 3.19 5.02 15.11
N PHE A 21 2.17 5.70 14.61
CA PHE A 21 1.88 7.07 15.03
C PHE A 21 0.96 7.08 16.25
N NH2 A 22 0.10 5.84 16.45
HN1 NH2 A 22 0.20 5.12 15.76
HN2 NH2 A 22 -0.53 5.81 17.24
N GLY A 1 4.67 -5.26 -17.56
CA GLY A 1 3.56 -5.88 -16.86
C GLY A 1 3.53 -5.51 -15.40
N LEU A 2 4.03 -4.32 -15.07
CA LEU A 2 4.05 -3.85 -13.70
C LEU A 2 2.78 -3.06 -13.37
N PHE A 3 2.03 -2.73 -14.41
CA PHE A 3 0.79 -1.99 -14.23
C PHE A 3 -0.14 -2.69 -13.22
N GLY A 4 0.01 -4.00 -13.12
CA GLY A 4 -0.80 -4.77 -12.19
C GLY A 4 -0.13 -4.97 -10.86
N VAL A 5 1.18 -4.73 -10.80
CA VAL A 5 1.94 -4.89 -9.58
C VAL A 5 1.99 -3.58 -8.79
N LEU A 6 2.35 -2.50 -9.46
CA LEU A 6 2.44 -1.19 -8.83
C LEU A 6 1.07 -0.73 -8.35
N ALA A 7 0.02 -1.22 -9.00
CA ALA A 7 -1.35 -0.86 -8.63
C ALA A 7 -1.74 -1.50 -7.31
N LYS A 8 -1.11 -2.62 -6.99
CA LYS A 8 -1.41 -3.33 -5.75
C LYS A 8 -0.92 -2.53 -4.53
N VAL A 9 0.14 -1.75 -4.74
CA VAL A 9 0.71 -0.94 -3.66
C VAL A 9 -0.23 0.22 -3.30
N ALA A 10 -0.99 0.68 -4.28
CA ALA A 10 -1.94 1.78 -4.07
C ALA A 10 -3.19 1.29 -3.36
N ALA A 11 -3.43 -0.02 -3.43
CA ALA A 11 -4.60 -0.62 -2.80
C ALA A 11 -4.39 -0.77 -1.30
N HIS A 12 -3.18 -0.52 -0.84
CA HIS A 12 -2.85 -0.65 0.57
C HIS A 12 -3.31 0.59 1.34
N I4G A 13 -3.68 0.38 2.83
CB I4G A 13 -3.58 -0.94 3.48
CG I4G A 13 -4.93 -1.70 3.43
CD1 I4G A 13 -4.76 -3.10 2.78
CD2 I4G A 13 -5.51 -1.84 4.84
CA I4G A 13 -4.26 1.43 3.67
C I4G A 13 -3.26 2.19 4.51
O I4G A 13 -2.06 2.00 4.43
HB2 I4G A 13 -2.81 -1.54 3.01
HB3 I4G A 13 -3.29 -0.78 4.52
HG I4G A 13 -5.64 -1.13 2.83
HD13 I4G A 13 -4.03 -3.69 3.35
HD11 I4G A 13 -5.71 -3.63 2.78
HD12 I4G A 13 -4.41 -3.02 1.76
HD23 I4G A 13 -5.66 -0.86 5.30
HD22 I4G A 13 -4.83 -2.42 5.49
HD21 I4G A 13 -6.47 -2.37 4.82
HA2 I4G A 13 -4.76 2.17 3.05
HA3 I4G A 13 -4.98 1.00 4.36
N VAL A 14 -3.80 3.07 5.36
CA VAL A 14 -2.97 3.86 6.26
C VAL A 14 -3.14 3.39 7.71
N GLY A 15 -3.87 2.30 7.89
CA GLY A 15 -4.09 1.77 9.23
C GLY A 15 -2.80 1.32 9.89
N ALA A 16 -1.95 0.64 9.12
CA ALA A 16 -0.68 0.16 9.64
C ALA A 16 0.18 1.30 10.17
N ILE A 17 0.24 2.39 9.39
CA ILE A 17 1.02 3.56 9.79
C ILE A 17 0.52 4.13 11.11
N ALA A 18 -0.79 4.18 11.27
CA ALA A 18 -1.40 4.70 12.49
C ALA A 18 -1.18 3.74 13.66
N GLU A 19 -1.22 2.44 13.37
CA GLU A 19 -1.03 1.43 14.40
C GLU A 19 0.37 1.50 14.99
N HIS A 20 1.30 2.09 14.25
CA HIS A 20 2.68 2.23 14.70
C HIS A 20 2.84 3.46 15.58
N PHE A 21 2.00 4.46 15.36
CA PHE A 21 2.06 5.69 16.13
C PHE A 21 0.98 5.70 17.22
N NH2 A 22 0.24 4.40 17.42
HN1 NH2 A 22 0.51 3.63 16.82
HN2 NH2 A 22 -0.49 4.36 18.12
N GLY A 1 6.39 -4.29 -16.81
CA GLY A 1 4.95 -4.14 -16.65
C GLY A 1 4.55 -3.98 -15.20
N LEU A 2 4.87 -2.83 -14.62
CA LEU A 2 4.54 -2.56 -13.22
C LEU A 2 3.13 -1.96 -13.11
N PHE A 3 2.57 -1.56 -14.25
CA PHE A 3 1.24 -0.97 -14.27
C PHE A 3 0.22 -1.89 -13.60
N GLY A 4 0.50 -3.19 -13.61
CA GLY A 4 -0.39 -4.16 -13.00
C GLY A 4 0.01 -4.48 -11.58
N VAL A 5 1.23 -4.12 -11.20
CA VAL A 5 1.73 -4.38 -9.86
C VAL A 5 1.46 -3.20 -8.93
N LEU A 6 1.36 -2.01 -9.52
CA LEU A 6 1.10 -0.80 -8.75
C LEU A 6 -0.35 -0.77 -8.25
N ALA A 7 -1.26 -1.27 -9.07
CA ALA A 7 -2.68 -1.30 -8.71
C ALA A 7 -2.90 -2.12 -7.44
N LYS A 8 -2.04 -3.11 -7.23
CA LYS A 8 -2.15 -3.97 -6.05
C LYS A 8 -1.75 -3.22 -4.79
N VAL A 9 -0.78 -2.33 -4.92
CA VAL A 9 -0.30 -1.54 -3.79
C VAL A 9 -1.35 -0.51 -3.36
N ALA A 10 -2.14 -0.05 -4.32
CA ALA A 10 -3.18 0.93 -4.05
C ALA A 10 -4.29 0.33 -3.19
N ALA A 11 -4.36 -0.99 -3.17
CA ALA A 11 -5.37 -1.69 -2.38
C ALA A 11 -4.86 -2.03 -0.99
N HIS A 12 -3.56 -1.81 -0.78
CA HIS A 12 -2.94 -2.09 0.51
C HIS A 12 -3.14 -0.91 1.47
N I4G A 13 -3.18 -1.26 2.98
CB I4G A 13 -3.04 -2.64 3.48
CG I4G A 13 -4.43 -3.31 3.66
CD1 I4G A 13 -4.51 -4.66 2.91
CD2 I4G A 13 -4.71 -3.53 5.16
CA I4G A 13 -3.48 -0.26 4.02
C I4G A 13 -2.31 0.09 4.91
O I4G A 13 -1.68 -0.76 5.54
HB2 I4G A 13 -2.44 -3.24 2.79
HB3 I4G A 13 -2.52 -2.60 4.44
HG I4G A 13 -5.21 -2.65 3.27
HD13 I4G A 13 -3.72 -5.33 3.26
HD11 I4G A 13 -5.47 -5.13 3.08
HD12 I4G A 13 -4.38 -4.51 1.84
HD23 I4G A 13 -4.68 -2.58 5.71
HD22 I4G A 13 -3.95 -4.19 5.60
HD21 I4G A 13 -5.69 -3.99 5.31
HA2 I4G A 13 -3.81 0.68 3.56
HA3 I4G A 13 -4.27 -0.63 4.67
N VAL A 14 -2.04 1.40 4.99
CA VAL A 14 -0.97 1.90 5.83
C VAL A 14 -1.52 2.60 7.06
N GLY A 15 -2.83 2.53 7.23
CA GLY A 15 -3.47 3.16 8.38
C GLY A 15 -2.98 2.59 9.69
N ALA A 16 -2.77 1.27 9.73
CA ALA A 16 -2.30 0.61 10.94
C ALA A 16 -1.04 1.28 11.48
N ILE A 17 0.00 1.32 10.66
CA ILE A 17 1.27 1.93 11.05
C ILE A 17 1.08 3.40 11.41
N ALA A 18 0.23 4.09 10.64
CA ALA A 18 -0.03 5.50 10.88
C ALA A 18 -0.55 5.73 12.29
N GLU A 19 -1.24 4.73 12.84
CA GLU A 19 -1.77 4.84 14.19
C GLU A 19 -0.67 4.72 15.23
N HIS A 20 0.46 4.13 14.83
CA HIS A 20 1.59 3.96 15.72
C HIS A 20 2.54 5.16 15.65
N PHE A 21 2.57 5.81 14.48
CA PHE A 21 3.43 6.96 14.27
C PHE A 21 2.74 8.24 14.71
N NH2 A 22 1.21 8.25 14.63
HN1 NH2 A 22 0.79 7.40 14.28
HN2 NH2 A 22 0.72 9.07 14.91
N GLY A 1 7.73 -2.06 -14.27
CA GLY A 1 6.29 -2.00 -14.43
C GLY A 1 5.55 -2.22 -13.12
N LEU A 2 5.85 -1.40 -12.13
CA LEU A 2 5.20 -1.51 -10.83
C LEU A 2 3.94 -0.66 -10.77
N PHE A 3 3.78 0.20 -11.77
CA PHE A 3 2.60 1.07 -11.83
C PHE A 3 1.31 0.26 -11.74
N GLY A 4 1.38 -0.99 -12.19
CA GLY A 4 0.21 -1.85 -12.15
C GLY A 4 0.15 -2.69 -10.89
N VAL A 5 1.28 -2.79 -10.19
CA VAL A 5 1.35 -3.57 -8.97
C VAL A 5 1.06 -2.71 -7.74
N LEU A 6 1.35 -1.42 -7.85
CA LEU A 6 1.11 -0.49 -6.75
C LEU A 6 -0.36 -0.45 -6.38
N ALA A 7 -1.23 -0.42 -7.38
CA ALA A 7 -2.67 -0.39 -7.15
C ALA A 7 -3.15 -1.69 -6.51
N LYS A 8 -2.41 -2.76 -6.75
CA LYS A 8 -2.76 -4.06 -6.20
C LYS A 8 -2.55 -4.10 -4.69
N VAL A 9 -1.62 -3.28 -4.22
CA VAL A 9 -1.32 -3.21 -2.79
C VAL A 9 -2.29 -2.29 -2.07
N ALA A 10 -2.79 -1.28 -2.78
CA ALA A 10 -3.73 -0.33 -2.20
C ALA A 10 -4.99 -1.03 -1.72
N ALA A 11 -5.23 -2.23 -2.24
CA ALA A 11 -6.41 -3.01 -1.85
C ALA A 11 -6.21 -3.67 -0.49
N HIS A 12 -5.01 -3.51 0.07
CA HIS A 12 -4.71 -4.09 1.37
C HIS A 12 -4.38 -3.00 2.39
N I4G A 13 -5.58 -2.46 3.21
CB I4G A 13 -6.95 -2.96 3.03
CG I4G A 13 -7.15 -4.32 3.74
CD1 I4G A 13 -7.40 -4.13 5.26
CD2 I4G A 13 -8.35 -5.05 3.11
CA I4G A 13 -5.47 -1.32 4.14
C I4G A 13 -4.07 -1.06 4.65
O I4G A 13 -3.32 -1.97 5.02
HB2 I4G A 13 -7.67 -2.23 3.42
HB3 I4G A 13 -7.14 -3.07 1.97
HG I4G A 13 -6.26 -4.93 3.61
HD13 I4G A 13 -8.28 -3.50 5.43
HD11 I4G A 13 -7.58 -5.10 5.74
HD12 I4G A 13 -6.55 -3.67 5.73
HD23 I4G A 13 -8.18 -5.22 2.04
HD22 I4G A 13 -9.27 -4.48 3.22
HD21 I4G A 13 -8.50 -6.03 3.58
HA2 I4G A 13 -5.78 -0.40 3.64
HA3 I4G A 13 -6.10 -1.49 5.02
N VAL A 14 -3.73 0.22 4.71
CA VAL A 14 -2.43 0.65 5.22
C VAL A 14 -2.54 1.96 5.99
N GLY A 15 -3.40 1.98 7.00
CA GLY A 15 -3.59 3.17 7.80
C GLY A 15 -2.62 3.24 8.97
N ALA A 16 -2.74 2.28 9.88
CA ALA A 16 -1.87 2.23 11.05
C ALA A 16 -0.40 2.32 10.65
N ILE A 17 -0.02 1.54 9.65
CA ILE A 17 1.35 1.54 9.17
C ILE A 17 1.79 2.93 8.73
N ALA A 18 0.87 3.68 8.15
CA ALA A 18 1.15 5.04 7.70
C ALA A 18 1.11 6.03 8.85
N GLU A 19 0.35 5.70 9.88
CA GLU A 19 0.22 6.56 11.05
C GLU A 19 1.45 6.45 11.94
N HIS A 20 2.17 5.35 11.80
CA HIS A 20 3.38 5.11 12.59
C HIS A 20 4.55 5.90 12.03
N PHE A 21 4.60 6.03 10.71
CA PHE A 21 5.67 6.77 10.05
C PHE A 21 5.20 8.15 9.60
N NH2 A 22 4.05 8.74 10.38
HN1 NH2 A 22 3.68 8.18 11.14
HN2 NH2 A 22 3.70 9.64 10.13
N GLY A 1 6.17 -2.40 -15.44
CA GLY A 1 6.51 -1.53 -14.33
C GLY A 1 5.68 -1.80 -13.09
N LEU A 2 6.09 -1.24 -11.96
CA LEU A 2 5.37 -1.44 -10.71
C LEU A 2 4.15 -0.52 -10.63
N PHE A 3 4.08 0.45 -11.55
CA PHE A 3 2.97 1.39 -11.58
C PHE A 3 1.64 0.65 -11.64
N GLY A 4 1.66 -0.56 -12.19
CA GLY A 4 0.44 -1.35 -12.30
C GLY A 4 0.27 -2.31 -11.13
N VAL A 5 1.35 -2.52 -10.38
CA VAL A 5 1.32 -3.42 -9.24
C VAL A 5 1.03 -2.66 -7.95
N LEU A 6 1.35 -1.38 -7.94
CA LEU A 6 1.12 -0.53 -6.77
C LEU A 6 -0.36 -0.32 -6.54
N ALA A 7 -1.12 -0.22 -7.63
CA ALA A 7 -2.56 -0.01 -7.55
C ALA A 7 -3.24 -1.18 -6.84
N LYS A 8 -2.62 -2.36 -6.91
CA LYS A 8 -3.16 -3.55 -6.29
C LYS A 8 -2.87 -3.55 -4.79
N VAL A 9 -1.80 -2.87 -4.39
CA VAL A 9 -1.42 -2.79 -2.99
C VAL A 9 -2.46 -2.03 -2.18
N ALA A 10 -3.14 -1.10 -2.82
CA ALA A 10 -4.16 -0.30 -2.16
C ALA A 10 -5.28 -1.19 -1.63
N ALA A 11 -5.39 -2.40 -2.17
CA ALA A 11 -6.41 -3.35 -1.74
C ALA A 11 -6.03 -4.02 -0.44
N HIS A 12 -4.83 -3.70 0.06
CA HIS A 12 -4.35 -4.29 1.31
C HIS A 12 -4.13 -3.20 2.36
N I4G A 13 -5.33 -2.89 3.28
CB I4G A 13 -6.61 -3.59 3.17
CG I4G A 13 -6.56 -4.99 3.81
CD1 I4G A 13 -6.76 -4.92 5.35
CD2 I4G A 13 -7.66 -5.89 3.20
CA I4G A 13 -5.32 -1.79 4.25
C I4G A 13 -3.95 -1.34 4.71
O I4G A 13 -3.06 -2.13 5.00
HB2 I4G A 13 -7.41 -3.00 3.64
HB3 I4G A 13 -6.87 -3.68 2.10
HG I4G A 13 -5.59 -5.45 3.61
HD13 I4G A 13 -7.71 -4.44 5.59
HD11 I4G A 13 -6.75 -5.92 5.79
HD12 I4G A 13 -5.95 -4.34 5.81
HD23 I4G A 13 -7.52 -5.98 2.11
HD22 I4G A 13 -8.65 -5.48 3.39
HD21 I4G A 13 -7.62 -6.89 3.63
HA2 I4G A 13 -5.81 -0.91 3.83
HA3 I4G A 13 -5.87 -2.09 5.16
N VAL A 14 -3.80 -0.02 4.79
CA VAL A 14 -2.55 0.57 5.22
C VAL A 14 -2.80 1.84 6.05
N GLY A 15 -3.59 1.69 7.11
CA GLY A 15 -3.89 2.83 7.96
C GLY A 15 -2.92 2.98 9.11
N ALA A 16 -2.93 2.02 10.03
CA ALA A 16 -2.04 2.05 11.18
C ALA A 16 -0.58 2.24 10.74
N ILE A 17 -0.22 1.61 9.63
CA ILE A 17 1.14 1.70 9.10
C ILE A 17 1.51 3.16 8.84
N ALA A 18 0.56 3.93 8.32
CA ALA A 18 0.79 5.33 8.02
C ALA A 18 0.98 6.15 9.29
N GLU A 19 0.36 5.68 10.38
CA GLU A 19 0.46 6.36 11.67
C GLU A 19 1.82 6.13 12.31
N HIS A 20 2.48 5.05 11.89
CA HIS A 20 3.80 4.70 12.42
C HIS A 20 4.88 5.59 11.80
N PHE A 21 4.64 6.07 10.59
CA PHE A 21 5.59 6.93 9.90
C PHE A 21 5.27 8.39 10.14
N NH2 A 22 4.07 8.69 11.01
HN1 NH2 A 22 3.56 7.88 11.36
HN2 NH2 A 22 3.82 9.65 11.19
N GLY A 1 3.83 -3.99 -16.91
CA GLY A 1 3.95 -2.79 -16.10
C GLY A 1 3.39 -2.99 -14.70
N LEU A 2 4.27 -3.33 -13.76
CA LEU A 2 3.86 -3.56 -12.38
C LEU A 2 3.93 -2.26 -11.57
N PHE A 3 4.56 -1.25 -12.15
CA PHE A 3 4.69 0.05 -11.48
C PHE A 3 3.33 0.58 -11.05
N GLY A 4 2.29 0.17 -11.77
CA GLY A 4 0.94 0.62 -11.45
C GLY A 4 0.21 -0.36 -10.55
N VAL A 5 0.73 -1.57 -10.44
CA VAL A 5 0.12 -2.60 -9.61
C VAL A 5 0.70 -2.59 -8.21
N LEU A 6 1.97 -2.19 -8.10
CA LEU A 6 2.65 -2.14 -6.81
C LEU A 6 2.01 -1.08 -5.90
N ALA A 7 1.48 -0.03 -6.52
CA ALA A 7 0.83 1.05 -5.77
C ALA A 7 -0.49 0.58 -5.17
N LYS A 8 -1.19 -0.28 -5.90
CA LYS A 8 -2.48 -0.81 -5.42
C LYS A 8 -2.28 -1.62 -4.15
N VAL A 9 -1.13 -2.27 -4.02
CA VAL A 9 -0.84 -3.08 -2.84
C VAL A 9 -0.41 -2.21 -1.67
N ALA A 10 0.22 -1.08 -1.98
CA ALA A 10 0.67 -0.15 -0.95
C ALA A 10 -0.50 0.41 -0.16
N ALA A 11 -1.70 0.33 -0.73
CA ALA A 11 -2.89 0.83 -0.08
C ALA A 11 -3.58 -0.26 0.73
N HIS A 12 -3.09 -1.49 0.58
CA HIS A 12 -3.65 -2.63 1.30
C HIS A 12 -3.03 -2.76 2.69
N I4G A 13 -3.92 -3.39 3.78
CB I4G A 13 -5.29 -3.86 3.52
CG I4G A 13 -6.33 -2.77 3.82
CD1 I4G A 13 -7.33 -2.59 2.66
CD2 I4G A 13 -7.11 -3.13 5.11
CA I4G A 13 -3.52 -3.47 5.20
C I4G A 13 -3.55 -2.16 5.94
O I4G A 13 -3.27 -1.10 5.40
HB2 I4G A 13 -5.39 -4.17 2.47
HB3 I4G A 13 -5.47 -4.74 4.14
HG I4G A 13 -5.82 -1.82 4.01
HD13 I4G A 13 -7.83 -3.52 2.43
HD11 I4G A 13 -8.07 -1.82 2.91
HD12 I4G A 13 -6.81 -2.25 1.76
HD23 I4G A 13 -6.43 -3.25 5.96
HD22 I4G A 13 -7.64 -4.09 4.98
HD21 I4G A 13 -7.84 -2.37 5.36
HA2 I4G A 13 -4.18 -4.16 5.74
HA3 I4G A 13 -2.49 -3.85 5.27
N VAL A 14 -3.89 -2.26 7.22
CA VAL A 14 -3.94 -1.09 8.09
C VAL A 14 -2.66 -0.96 8.92
N GLY A 15 -1.69 -1.85 8.65
CA GLY A 15 -0.45 -1.81 9.38
C GLY A 15 0.50 -0.75 8.87
N ALA A 16 0.62 -0.66 7.54
CA ALA A 16 1.51 0.33 6.92
C ALA A 16 1.22 1.73 7.45
N ILE A 17 -0.07 2.06 7.56
CA ILE A 17 -0.48 3.38 8.04
C ILE A 17 0.05 3.62 9.46
N ALA A 18 -0.08 2.61 10.32
CA ALA A 18 0.38 2.72 11.70
C ALA A 18 1.89 2.95 11.75
N GLU A 19 2.61 2.31 10.85
CA GLU A 19 4.07 2.45 10.80
C GLU A 19 4.47 3.84 10.33
N HIS A 20 3.55 4.52 9.64
CA HIS A 20 3.80 5.86 9.14
C HIS A 20 3.58 6.90 10.23
N PHE A 21 2.63 6.63 11.12
CA PHE A 21 2.32 7.54 12.21
C PHE A 21 3.21 7.27 13.41
N NH2 A 22 3.82 5.88 13.51
HN1 NH2 A 22 3.57 5.24 12.75
HN2 NH2 A 22 4.40 5.65 14.29
N GLY A 1 6.48 -1.90 -14.56
CA GLY A 1 5.18 -1.33 -14.22
C GLY A 1 4.62 -1.87 -12.93
N LEU A 2 5.45 -1.86 -11.88
CA LEU A 2 5.03 -2.35 -10.57
C LEU A 2 4.33 -1.26 -9.78
N PHE A 3 4.43 -0.03 -10.26
CA PHE A 3 3.80 1.11 -9.60
C PHE A 3 2.31 0.86 -9.38
N GLY A 4 1.72 0.03 -10.24
CA GLY A 4 0.31 -0.28 -10.12
C GLY A 4 0.06 -1.54 -9.33
N VAL A 5 1.11 -2.34 -9.14
CA VAL A 5 0.99 -3.58 -8.39
C VAL A 5 1.27 -3.36 -6.90
N LEU A 6 2.37 -2.68 -6.60
CA LEU A 6 2.74 -2.40 -5.23
C LEU A 6 1.74 -1.46 -4.56
N ALA A 7 1.38 -0.39 -5.27
CA ALA A 7 0.43 0.58 -4.76
C ALA A 7 -0.86 -0.10 -4.30
N LYS A 8 -1.24 -1.16 -5.00
CA LYS A 8 -2.44 -1.91 -4.66
C LYS A 8 -2.35 -2.50 -3.26
N VAL A 9 -1.17 -3.02 -2.93
CA VAL A 9 -0.95 -3.61 -1.60
C VAL A 9 -0.69 -2.54 -0.55
N ALA A 10 -0.09 -1.43 -0.99
CA ALA A 10 0.21 -0.32 -0.09
C ALA A 10 -1.07 0.35 0.41
N ALA A 11 -2.15 0.14 -0.32
CA ALA A 11 -3.44 0.73 0.04
C ALA A 11 -4.28 -0.25 0.86
N HIS A 12 -3.80 -1.49 0.97
CA HIS A 12 -4.51 -2.52 1.72
C HIS A 12 -4.16 -2.43 3.21
N I4G A 13 -5.25 -2.91 4.20
CB I4G A 13 -6.54 -3.44 3.74
CG I4G A 13 -7.62 -2.33 3.69
CD1 I4G A 13 -8.38 -2.34 2.33
CD2 I4G A 13 -8.62 -2.51 4.85
CA I4G A 13 -5.13 -2.79 5.65
C I4G A 13 -4.86 -1.39 6.15
O I4G A 13 -4.41 -0.51 5.41
HB2 I4G A 13 -6.46 -3.90 2.75
HB3 I4G A 13 -6.87 -4.22 4.44
HG I4G A 13 -7.14 -1.35 3.80
HD13 I4G A 13 -8.85 -3.31 2.17
HD11 I4G A 13 -9.16 -1.57 2.32
HD12 I4G A 13 -7.70 -2.15 1.51
HD23 I4G A 13 -8.11 -2.47 5.81
HD22 I4G A 13 -9.14 -3.47 4.78
HD21 I4G A 13 -9.37 -1.71 4.83
HA2 I4G A 13 -6.05 -3.11 6.14
HA3 I4G A 13 -4.31 -3.40 6.02
N VAL A 14 -5.14 -1.18 7.43
CA VAL A 14 -4.90 0.11 8.07
C VAL A 14 -3.61 0.10 8.87
N GLY A 15 -2.85 -0.99 8.77
CA GLY A 15 -1.60 -1.11 9.49
C GLY A 15 -0.45 -0.46 8.75
N ALA A 16 -0.20 -0.91 7.53
CA ALA A 16 0.89 -0.36 6.71
C ALA A 16 0.77 1.15 6.59
N ILE A 17 -0.47 1.64 6.64
CA ILE A 17 -0.72 3.08 6.52
C ILE A 17 -0.02 3.84 7.64
N ALA A 18 -0.10 3.33 8.86
CA ALA A 18 0.54 3.95 10.00
C ALA A 18 2.03 3.67 10.04
N GLU A 19 2.44 2.56 9.42
CA GLU A 19 3.85 2.18 9.38
C GLU A 19 4.60 3.01 8.35
N HIS A 20 3.86 3.56 7.38
CA HIS A 20 4.47 4.37 6.34
C HIS A 20 4.82 5.77 6.86
N PHE A 21 3.97 6.30 7.73
CA PHE A 21 4.20 7.62 8.31
C PHE A 21 4.98 7.52 9.61
N NH2 A 22 4.94 6.18 10.32
HN1 NH2 A 22 4.40 5.45 9.86
HN2 NH2 A 22 5.43 6.06 11.18
N GLY A 1 7.45 -2.68 -13.73
CA GLY A 1 6.66 -1.64 -13.10
C GLY A 1 5.83 -2.15 -11.93
N LEU A 2 6.38 -2.00 -10.72
CA LEU A 2 5.69 -2.45 -9.52
C LEU A 2 4.82 -1.34 -8.95
N PHE A 3 5.00 -0.13 -9.45
CA PHE A 3 4.23 1.01 -8.99
C PHE A 3 2.74 0.74 -9.09
N GLY A 4 2.36 -0.13 -10.02
CA GLY A 4 0.96 -0.46 -10.21
C GLY A 4 0.56 -1.70 -9.43
N VAL A 5 1.55 -2.47 -8.99
CA VAL A 5 1.29 -3.69 -8.24
C VAL A 5 1.19 -3.41 -6.74
N LEU A 6 2.12 -2.60 -6.23
CA LEU A 6 2.13 -2.24 -4.83
C LEU A 6 0.97 -1.31 -4.48
N ALA A 7 0.62 -0.44 -5.42
CA ALA A 7 -0.47 0.50 -5.21
C ALA A 7 -1.82 -0.23 -5.12
N LYS A 8 -1.92 -1.35 -5.82
CA LYS A 8 -3.14 -2.15 -5.81
C LYS A 8 -3.41 -2.73 -4.42
N VAL A 9 -2.36 -3.28 -3.81
CA VAL A 9 -2.48 -3.87 -2.49
C VAL A 9 -2.78 -2.81 -1.44
N ALA A 10 -2.31 -1.59 -1.68
CA ALA A 10 -2.54 -0.48 -0.77
C ALA A 10 -4.03 -0.21 -0.58
N ALA A 11 -4.83 -0.68 -1.54
CA ALA A 11 -6.27 -0.50 -1.48
C ALA A 11 -6.92 -1.47 -0.52
N HIS A 12 -6.11 -2.36 0.05
CA HIS A 12 -6.60 -3.36 1.00
C HIS A 12 -5.96 -3.17 2.37
N I4G A 13 -6.72 -2.24 3.35
CB I4G A 13 -7.98 -1.57 3.01
CG I4G A 13 -9.19 -2.55 3.10
CD1 I4G A 13 -9.77 -2.59 4.52
CD2 I4G A 13 -10.28 -2.12 2.10
CA I4G A 13 -6.17 -1.85 4.67
C I4G A 13 -5.17 -0.73 4.62
O I4G A 13 -4.79 -0.22 3.58
HB2 I4G A 13 -8.16 -0.72 3.66
HB3 I4G A 13 -7.90 -1.19 1.99
HG I4G A 13 -8.86 -3.55 2.82
HD13 I4G A 13 -10.09 -1.59 4.84
HD11 I4G A 13 -10.64 -3.25 4.57
HD12 I4G A 13 -9.03 -2.95 5.24
HD23 I4G A 13 -9.89 -2.12 1.07
HD22 I4G A 13 -10.64 -1.12 2.33
HD21 I4G A 13 -11.12 -2.81 2.13
HA2 I4G A 13 -6.98 -1.53 5.32
HA3 I4G A 13 -5.67 -2.71 5.13
N VAL A 14 -4.72 -0.34 5.82
CA VAL A 14 -3.72 0.70 5.95
C VAL A 14 -2.75 0.41 7.09
N GLY A 15 -2.11 -0.76 7.03
CA GLY A 15 -1.17 -1.15 8.06
C GLY A 15 0.24 -0.65 7.78
N ALA A 16 0.74 -0.96 6.59
CA ALA A 16 2.08 -0.55 6.20
C ALA A 16 2.27 0.96 6.40
N ILE A 17 1.36 1.74 5.86
CA ILE A 17 1.44 3.19 5.98
C ILE A 17 1.43 3.62 7.45
N ALA A 18 0.62 2.93 8.25
CA ALA A 18 0.52 3.24 9.67
C ALA A 18 1.83 2.94 10.39
N GLU A 19 2.33 1.72 10.22
CA GLU A 19 3.58 1.31 10.85
C GLU A 19 4.74 2.20 10.39
N HIS A 20 4.56 2.86 9.25
CA HIS A 20 5.58 3.74 8.70
C HIS A 20 5.36 5.18 9.16
N PHE A 21 4.12 5.51 9.48
CA PHE A 21 3.78 6.86 9.93
C PHE A 21 4.05 7.01 11.43
N NH2 A 22 3.99 5.74 12.25
HN1 NH2 A 22 3.78 4.89 11.75
HN2 NH2 A 22 4.16 5.79 13.24
N GLY A 1 5.56 -2.43 -15.07
CA GLY A 1 5.45 -1.44 -14.01
C GLY A 1 4.71 -1.97 -12.80
N LEU A 2 5.46 -2.43 -11.80
CA LEU A 2 4.87 -2.97 -10.58
C LEU A 2 4.62 -1.86 -9.56
N PHE A 3 5.20 -0.69 -9.82
CA PHE A 3 5.04 0.45 -8.93
C PHE A 3 3.57 0.74 -8.66
N GLY A 4 2.72 0.38 -9.62
CA GLY A 4 1.30 0.62 -9.48
C GLY A 4 0.56 -0.58 -8.92
N VAL A 5 1.23 -1.74 -8.95
CA VAL A 5 0.63 -2.97 -8.43
C VAL A 5 0.92 -3.14 -6.95
N LEU A 6 2.03 -2.57 -6.50
CA LEU A 6 2.42 -2.65 -5.09
C LEU A 6 1.75 -1.56 -4.26
N ALA A 7 1.56 -0.41 -4.89
CA ALA A 7 0.93 0.72 -4.21
C ALA A 7 -0.57 0.49 -4.03
N LYS A 8 -1.19 -0.12 -5.03
CA LYS A 8 -2.62 -0.41 -4.98
C LYS A 8 -2.97 -1.25 -3.76
N VAL A 9 -1.99 -2.01 -3.28
CA VAL A 9 -2.19 -2.87 -2.11
C VAL A 9 -2.45 -2.04 -0.87
N ALA A 10 -1.88 -0.83 -0.83
CA ALA A 10 -2.05 0.06 0.31
C ALA A 10 -3.53 0.40 0.52
N ALA A 11 -4.33 0.21 -0.52
CA ALA A 11 -5.76 0.50 -0.45
C ALA A 11 -6.51 -0.65 0.23
N HIS A 12 -5.78 -1.69 0.59
CA HIS A 12 -6.39 -2.85 1.25
C HIS A 12 -5.79 -3.04 2.64
N I4G A 13 -6.53 -2.33 3.80
CB I4G A 13 -7.73 -1.51 3.59
CG I4G A 13 -9.01 -2.38 3.46
CD1 I4G A 13 -9.78 -2.45 4.81
CD2 I4G A 13 -9.93 -1.80 2.37
CA I4G A 13 -6.03 -2.32 5.18
C I4G A 13 -5.23 -1.09 5.55
O I4G A 13 -5.36 -0.02 4.96
HB2 I4G A 13 -7.86 -0.80 4.41
HB3 I4G A 13 -7.59 -0.93 2.68
HG I4G A 13 -8.72 -3.40 3.17
HD13 I4G A 13 -10.05 -1.46 5.14
HD11 I4G A 13 -10.69 -3.05 4.70
HD12 I4G A 13 -9.16 -2.92 5.57
HD23 I4G A 13 -9.41 -1.78 1.41
HD22 I4G A 13 -10.24 -0.79 2.62
HD21 I4G A 13 -10.82 -2.42 2.26
HA2 I4G A 13 -6.87 -2.36 5.89
HA3 I4G A 13 -5.38 -3.18 5.36
N VAL A 14 -4.36 -1.27 6.55
CA VAL A 14 -3.49 -0.19 6.99
C VAL A 14 -2.12 -0.73 7.40
N GLY A 15 -1.47 -1.42 6.47
CA GLY A 15 -0.16 -1.98 6.75
C GLY A 15 0.96 -1.00 6.47
N ALA A 16 1.17 -0.69 5.19
CA ALA A 16 2.21 0.26 4.80
C ALA A 16 1.98 1.63 5.41
N ILE A 17 0.72 2.03 5.50
CA ILE A 17 0.37 3.33 6.07
C ILE A 17 0.89 3.44 7.51
N ALA A 18 0.64 2.42 8.31
CA ALA A 18 1.08 2.41 9.70
C ALA A 18 2.61 2.38 9.79
N GLU A 19 3.21 1.41 9.10
CA GLU A 19 4.66 1.28 9.11
C GLU A 19 5.34 2.53 8.55
N HIS A 20 4.57 3.32 7.80
CA HIS A 20 5.09 4.54 7.22
C HIS A 20 4.80 5.74 8.11
N PHE A 21 3.75 5.63 8.92
CA PHE A 21 3.36 6.70 9.83
C PHE A 21 4.17 6.65 11.12
N NH2 A 22 4.77 5.30 11.47
HN1 NH2 A 22 4.60 4.55 10.81
HN2 NH2 A 22 5.31 5.22 12.31
N GLY A 1 4.00 -4.13 -17.65
CA GLY A 1 3.60 -2.90 -16.99
C GLY A 1 3.00 -3.14 -15.63
N LEU A 2 3.77 -3.73 -14.73
CA LEU A 2 3.31 -4.03 -13.37
C LEU A 2 3.61 -2.86 -12.43
N PHE A 3 4.43 -1.92 -12.91
CA PHE A 3 4.80 -0.76 -12.10
C PHE A 3 3.56 -0.03 -11.61
N GLY A 4 2.46 -0.15 -12.36
CA GLY A 4 1.22 0.50 -11.98
C GLY A 4 0.31 -0.39 -11.17
N VAL A 5 0.61 -1.69 -11.18
CA VAL A 5 -0.19 -2.66 -10.44
C VAL A 5 0.34 -2.85 -9.02
N LEU A 6 1.65 -2.67 -8.86
CA LEU A 6 2.29 -2.81 -7.56
C LEU A 6 1.86 -1.69 -6.61
N ALA A 7 1.73 -0.49 -7.16
CA ALA A 7 1.33 0.67 -6.36
C ALA A 7 -0.06 0.46 -5.76
N LYS A 8 -0.89 -0.32 -6.43
CA LYS A 8 -2.24 -0.60 -5.96
C LYS A 8 -2.21 -1.55 -4.77
N VAL A 9 -1.32 -2.54 -4.82
CA VAL A 9 -1.19 -3.52 -3.74
C VAL A 9 -0.73 -2.85 -2.46
N ALA A 10 0.04 -1.77 -2.58
CA ALA A 10 0.54 -1.05 -1.43
C ALA A 10 -0.59 -0.35 -0.69
N ALA A 11 -1.72 -0.16 -1.37
CA ALA A 11 -2.87 0.49 -0.78
C ALA A 11 -3.61 -0.44 0.18
N HIS A 12 -3.19 -1.71 0.19
CA HIS A 12 -3.81 -2.70 1.06
C HIS A 12 -3.15 -2.70 2.44
N I4G A 13 -4.04 -3.13 3.62
CB I4G A 13 -5.44 -3.53 3.45
CG I4G A 13 -6.41 -2.34 3.64
CD1 I4G A 13 -7.60 -2.41 2.67
CD2 I4G A 13 -6.93 -2.32 5.10
CA I4G A 13 -3.61 -3.06 5.02
C I4G A 13 -3.35 -1.66 5.54
O I4G A 13 -3.38 -0.68 4.81
HB2 I4G A 13 -5.60 -3.97 2.46
HB3 I4G A 13 -5.67 -4.31 4.19
HG I4G A 13 -5.87 -1.40 3.47
HD13 I4G A 13 -8.15 -3.35 2.80
HD11 I4G A 13 -8.29 -1.58 2.83
HD12 I4G A 13 -7.26 -2.37 1.63
HD23 I4G A 13 -6.10 -2.23 5.80
HD22 I4G A 13 -7.49 -3.23 5.32
HD21 I4G A 13 -7.60 -1.47 5.26
HA2 I4G A 13 -4.36 -3.50 5.67
HA3 I4G A 13 -2.67 -3.62 5.15
N VAL A 14 -3.05 -1.60 6.84
CA VAL A 14 -2.74 -0.33 7.48
C VAL A 14 -1.66 -0.50 8.55
N GLY A 15 -0.53 -1.04 8.14
CA GLY A 15 0.58 -1.25 9.07
C GLY A 15 1.45 -0.03 9.21
N ALA A 16 1.96 0.47 8.09
CA ALA A 16 2.82 1.65 8.09
C ALA A 16 2.18 2.80 8.86
N ILE A 17 0.93 3.10 8.53
CA ILE A 17 0.21 4.18 9.19
C ILE A 17 0.11 3.94 10.69
N ALA A 18 -0.05 2.68 11.08
CA ALA A 18 -0.14 2.32 12.49
C ALA A 18 1.21 2.50 13.19
N GLU A 19 2.29 2.28 12.45
CA GLU A 19 3.63 2.41 13.00
C GLU A 19 3.97 3.88 13.24
N HIS A 20 3.28 4.77 12.54
CA HIS A 20 3.51 6.20 12.68
C HIS A 20 2.64 6.79 13.80
N PHE A 21 1.45 6.24 13.97
CA PHE A 21 0.53 6.71 14.99
C PHE A 21 0.69 5.90 16.28
N NH2 A 22 1.87 4.94 16.33
HN1 NH2 A 22 2.45 4.92 15.49
HN2 NH2 A 22 2.01 4.38 17.14
N GLY A 1 4.42 -0.94 -14.98
CA GLY A 1 5.39 -1.28 -13.96
C GLY A 1 4.74 -1.80 -12.70
N LEU A 2 5.56 -2.03 -11.67
CA LEU A 2 5.05 -2.54 -10.40
C LEU A 2 4.67 -1.39 -9.47
N PHE A 3 5.06 -0.18 -9.84
CA PHE A 3 4.75 1.00 -9.04
C PHE A 3 3.25 1.10 -8.78
N GLY A 4 2.46 0.54 -9.69
CA GLY A 4 1.01 0.57 -9.53
C GLY A 4 0.48 -0.67 -8.86
N VAL A 5 1.29 -1.71 -8.79
CA VAL A 5 0.89 -2.96 -8.16
C VAL A 5 1.24 -2.97 -6.68
N LEU A 6 2.25 -2.18 -6.31
CA LEU A 6 2.68 -2.10 -4.92
C LEU A 6 1.88 -1.03 -4.16
N ALA A 7 1.51 0.03 -4.86
CA ALA A 7 0.74 1.11 -4.26
C ALA A 7 -0.71 0.70 -4.04
N LYS A 8 -1.22 -0.15 -4.93
CA LYS A 8 -2.60 -0.62 -4.84
C LYS A 8 -2.82 -1.39 -3.54
N VAL A 9 -1.74 -1.96 -3.01
CA VAL A 9 -1.82 -2.72 -1.76
C VAL A 9 -2.30 -1.84 -0.61
N ALA A 10 -1.99 -0.56 -0.68
CA ALA A 10 -2.38 0.38 0.36
C ALA A 10 -3.90 0.43 0.49
N ALA A 11 -4.61 -0.01 -0.55
CA ALA A 11 -6.06 0.00 -0.55
C ALA A 11 -6.61 -1.20 0.22
N HIS A 12 -5.71 -2.04 0.73
CA HIS A 12 -6.10 -3.22 1.49
C HIS A 12 -5.55 -3.15 2.91
N I4G A 13 -6.47 -2.50 3.97
CB I4G A 13 -7.79 -1.96 3.64
CG I4G A 13 -8.86 -3.08 3.60
CD1 I4G A 13 -8.70 -4.06 4.78
CD2 I4G A 13 -10.27 -2.45 3.64
CA I4G A 13 -6.04 -2.23 5.35
C I4G A 13 -5.22 -0.98 5.54
O I4G A 13 -4.22 -0.75 4.86
HB2 I4G A 13 -8.09 -1.20 4.37
HB3 I4G A 13 -7.74 -1.47 2.66
HG I4G A 13 -8.78 -3.63 2.67
HD13 I4G A 13 -8.76 -3.53 5.73
HD11 I4G A 13 -9.48 -4.82 4.76
HD12 I4G A 13 -7.74 -4.56 4.72
HD23 I4G A 13 -10.41 -1.76 2.80
HD22 I4G A 13 -10.42 -1.88 4.56
HD21 I4G A 13 -11.05 -3.21 3.59
HA2 I4G A 13 -6.91 -2.13 6.00
HA3 I4G A 13 -5.44 -3.07 5.72
N VAL A 14 -5.65 -0.17 6.51
CA VAL A 14 -4.94 1.06 6.84
C VAL A 14 -3.83 0.80 7.84
N GLY A 15 -3.60 -0.46 8.15
CA GLY A 15 -2.55 -0.83 9.09
C GLY A 15 -1.16 -0.64 8.52
N ALA A 16 -0.94 -1.19 7.33
CA ALA A 16 0.35 -1.09 6.66
C ALA A 16 0.75 0.38 6.45
N ILE A 17 -0.26 1.22 6.22
CA ILE A 17 -0.02 2.64 6.00
C ILE A 17 0.66 3.28 7.21
N ALA A 18 0.16 2.97 8.41
CA ALA A 18 0.73 3.51 9.63
C ALA A 18 2.20 3.14 9.77
N GLU A 19 2.57 2.00 9.20
CA GLU A 19 3.96 1.53 9.26
C GLU A 19 4.85 2.36 8.32
N HIS A 20 4.23 2.99 7.34
CA HIS A 20 4.96 3.81 6.37
C HIS A 20 5.42 5.12 7.01
N PHE A 21 4.67 5.57 8.02
CA PHE A 21 5.00 6.82 8.71
C PHE A 21 5.40 6.55 10.15
N NH2 A 22 4.26 6.22 11.11
HN1 NH2 A 22 3.33 6.21 10.71
HN2 NH2 A 22 4.48 6.04 12.08
N GLY A 1 -0.84 -5.62 -18.29
CA GLY A 1 0.32 -4.84 -17.95
C GLY A 1 0.60 -4.85 -16.45
N LEU A 2 1.83 -4.53 -16.08
CA LEU A 2 2.24 -4.51 -14.69
C LEU A 2 1.97 -3.15 -14.06
N PHE A 3 1.67 -2.16 -14.91
CA PHE A 3 1.39 -0.81 -14.44
C PHE A 3 0.29 -0.82 -13.38
N GLY A 4 -0.59 -1.82 -13.46
CA GLY A 4 -1.68 -1.92 -12.51
C GLY A 4 -1.34 -2.81 -11.33
N VAL A 5 -0.28 -3.60 -11.48
CA VAL A 5 0.14 -4.51 -10.42
C VAL A 5 1.17 -3.85 -9.52
N LEU A 6 1.88 -2.87 -10.05
CA LEU A 6 2.90 -2.16 -9.28
C LEU A 6 2.28 -0.99 -8.51
N ALA A 7 1.27 -0.36 -9.11
CA ALA A 7 0.60 0.76 -8.47
C ALA A 7 -0.34 0.29 -7.37
N LYS A 8 -0.94 -0.89 -7.56
CA LYS A 8 -1.85 -1.46 -6.58
C LYS A 8 -1.14 -1.69 -5.25
N VAL A 9 0.18 -1.88 -5.31
CA VAL A 9 0.97 -2.12 -4.11
C VAL A 9 0.88 -0.93 -3.15
N ALA A 10 0.70 0.26 -3.71
CA ALA A 10 0.59 1.47 -2.90
C ALA A 10 -0.78 1.57 -2.25
N ALA A 11 -1.75 0.83 -2.79
CA ALA A 11 -3.11 0.85 -2.27
C ALA A 11 -3.20 0.10 -0.95
N HIS A 12 -2.11 -0.57 -0.58
CA HIS A 12 -2.06 -1.33 0.66
C HIS A 12 -2.47 -0.47 1.84
N I4G A 13 -3.17 -1.20 3.01
CB I4G A 13 -3.44 -2.65 3.00
CG I4G A 13 -4.89 -2.96 2.58
CD1 I4G A 13 -5.84 -2.97 3.79
CD2 I4G A 13 -5.36 -1.91 1.55
CA I4G A 13 -3.75 -0.50 4.17
C I4G A 13 -2.80 0.45 4.87
O I4G A 13 -1.74 0.82 4.36
HB2 I4G A 13 -2.74 -3.15 2.32
HB3 I4G A 13 -3.26 -3.03 4.00
HG I4G A 13 -4.92 -3.94 2.09
HD13 I4G A 13 -5.82 -2.00 4.30
HD11 I4G A 13 -6.87 -3.17 3.47
HD12 I4G A 13 -5.56 -3.75 4.50
HD23 I4G A 13 -4.72 -1.92 0.66
HD22 I4G A 13 -5.35 -0.91 1.97
HD21 I4G A 13 -6.39 -2.14 1.22
HA2 I4G A 13 -4.60 0.12 3.86
HA3 I4G A 13 -4.08 -1.22 4.92
N VAL A 14 -3.17 0.81 6.10
CA VAL A 14 -2.36 1.69 6.92
C VAL A 14 -2.44 1.30 8.39
N GLY A 15 -2.12 0.04 8.68
CA GLY A 15 -2.17 -0.44 10.05
C GLY A 15 -0.91 -0.11 10.82
N ALA A 16 0.24 -0.25 10.16
CA ALA A 16 1.53 0.04 10.80
C ALA A 16 1.57 1.45 11.34
N ILE A 17 1.25 2.42 10.49
CA ILE A 17 1.26 3.83 10.88
C ILE A 17 0.26 4.07 12.01
N ALA A 18 -0.84 3.33 11.99
CA ALA A 18 -1.87 3.47 13.02
C ALA A 18 -1.34 3.07 14.39
N GLU A 19 -0.44 2.09 14.41
CA GLU A 19 0.14 1.61 15.67
C GLU A 19 0.94 2.72 16.35
N HIS A 20 1.36 3.71 15.57
CA HIS A 20 2.13 4.83 16.09
C HIS A 20 1.21 5.91 16.64
N PHE A 21 0.02 6.02 16.07
CA PHE A 21 -0.96 7.01 16.50
C PHE A 21 -1.90 6.43 17.55
N NH2 A 22 -1.55 5.05 18.07
HN1 NH2 A 22 -0.72 4.62 17.69
HN2 NH2 A 22 -2.16 4.63 18.76
N GLY A 1 0.41 0.05 -16.90
CA GLY A 1 1.32 -1.07 -16.74
C GLY A 1 1.25 -1.67 -15.35
N LEU A 2 2.40 -2.03 -14.80
CA LEU A 2 2.46 -2.62 -13.47
C LEU A 2 2.62 -1.55 -12.41
N PHE A 3 2.93 -0.33 -12.84
CA PHE A 3 3.10 0.80 -11.93
C PHE A 3 1.88 0.96 -11.02
N GLY A 4 0.73 0.53 -11.51
CA GLY A 4 -0.49 0.64 -10.74
C GLY A 4 -0.80 -0.63 -9.96
N VAL A 5 -0.13 -1.72 -10.32
CA VAL A 5 -0.33 -2.99 -9.64
C VAL A 5 0.64 -3.17 -8.49
N LEU A 6 1.93 -3.03 -8.78
CA LEU A 6 2.96 -3.16 -7.76
C LEU A 6 2.74 -2.17 -6.62
N ALA A 7 2.16 -1.02 -6.95
CA ALA A 7 1.89 0.01 -5.96
C ALA A 7 0.73 -0.39 -5.05
N LYS A 8 -0.27 -1.06 -5.63
CA LYS A 8 -1.44 -1.51 -4.88
C LYS A 8 -1.02 -2.40 -3.71
N VAL A 9 0.04 -3.18 -3.92
CA VAL A 9 0.53 -4.08 -2.88
C VAL A 9 1.15 -3.30 -1.72
N ALA A 10 1.71 -2.14 -2.04
CA ALA A 10 2.34 -1.30 -1.02
C ALA A 10 1.28 -0.65 -0.12
N ALA A 11 0.05 -0.59 -0.61
CA ALA A 11 -1.04 0.00 0.14
C ALA A 11 -1.90 -1.08 0.81
N HIS A 12 -1.68 -2.33 0.42
CA HIS A 12 -2.44 -3.44 0.97
C HIS A 12 -2.41 -3.40 2.50
N I4G A 13 -3.71 -2.98 3.19
CB I4G A 13 -4.93 -2.62 2.45
CG I4G A 13 -5.72 -3.88 2.01
CD1 I4G A 13 -6.52 -4.48 3.18
CD2 I4G A 13 -6.68 -3.50 0.85
CA I4G A 13 -3.81 -2.77 4.65
C I4G A 13 -3.26 -1.46 5.15
O I4G A 13 -2.55 -0.74 4.44
HB2 I4G A 13 -5.57 -1.98 3.06
HB3 I4G A 13 -4.64 -2.03 1.57
HG I4G A 13 -5.03 -4.62 1.63
HD13 I4G A 13 -7.21 -3.75 3.60
HD11 I4G A 13 -7.10 -5.35 2.84
HD12 I4G A 13 -5.86 -4.81 3.98
HD23 I4G A 13 -6.13 -3.10 0.01
HD22 I4G A 13 -7.40 -2.75 1.19
HD21 I4G A 13 -7.23 -4.38 0.52
HA2 I4G A 13 -4.86 -2.80 4.97
HA3 I4G A 13 -3.28 -3.57 5.18
N VAL A 14 -3.58 -1.16 6.40
CA VAL A 14 -3.09 0.05 7.04
C VAL A 14 -2.79 -0.18 8.51
N GLY A 15 -1.94 -1.15 8.79
CA GLY A 15 -1.58 -1.47 10.17
C GLY A 15 -0.42 -0.63 10.67
N ALA A 16 0.77 -0.87 10.12
CA ALA A 16 1.95 -0.11 10.52
C ALA A 16 1.78 1.38 10.25
N ILE A 17 1.28 1.71 9.07
CA ILE A 17 1.06 3.10 8.69
C ILE A 17 0.14 3.80 9.68
N ALA A 18 -0.88 3.08 10.13
CA ALA A 18 -1.84 3.64 11.09
C ALA A 18 -1.16 3.93 12.42
N GLU A 19 -0.45 2.95 12.95
CA GLU A 19 0.25 3.10 14.22
C GLU A 19 1.29 4.22 14.14
N HIS A 20 1.72 4.53 12.92
CA HIS A 20 2.72 5.56 12.71
C HIS A 20 2.16 6.94 13.06
N PHE A 21 0.90 7.17 12.68
CA PHE A 21 0.25 8.45 12.95
C PHE A 21 -0.45 8.42 14.31
N NH2 A 22 -0.53 7.07 15.00
HN1 NH2 A 22 -0.10 6.29 14.50
HN2 NH2 A 22 -0.99 7.00 15.88
N GLY A 1 -2.10 -1.89 -17.64
CA GLY A 1 -0.70 -2.18 -17.49
C GLY A 1 -0.36 -2.72 -16.12
N LEU A 2 0.90 -3.11 -15.93
CA LEU A 2 1.35 -3.65 -14.64
C LEU A 2 1.85 -2.54 -13.73
N PHE A 3 2.11 -1.37 -14.30
CA PHE A 3 2.59 -0.23 -13.53
C PHE A 3 1.65 0.08 -12.37
N GLY A 4 0.38 -0.30 -12.53
CA GLY A 4 -0.60 -0.05 -11.49
C GLY A 4 -0.77 -1.24 -10.56
N VAL A 5 -0.23 -2.38 -10.96
CA VAL A 5 -0.32 -3.60 -10.14
C VAL A 5 0.90 -3.74 -9.24
N LEU A 6 2.01 -3.12 -9.64
CA LEU A 6 3.24 -3.18 -8.87
C LEU A 6 3.30 -2.04 -7.86
N ALA A 7 2.64 -0.93 -8.19
CA ALA A 7 2.62 0.24 -7.31
C ALA A 7 1.57 0.08 -6.23
N LYS A 8 0.43 -0.50 -6.59
CA LYS A 8 -0.67 -0.70 -5.66
C LYS A 8 -0.20 -1.51 -4.45
N VAL A 9 0.83 -2.33 -4.65
CA VAL A 9 1.37 -3.15 -3.57
C VAL A 9 1.91 -2.29 -2.44
N ALA A 10 2.40 -1.10 -2.78
CA ALA A 10 2.94 -0.19 -1.79
C ALA A 10 1.83 0.52 -1.02
N ALA A 11 0.63 0.52 -1.59
CA ALA A 11 -0.52 1.17 -0.97
C ALA A 11 -1.26 0.19 -0.06
N HIS A 12 -0.87 -1.08 -0.13
CA HIS A 12 -1.50 -2.11 0.69
C HIS A 12 -0.97 -2.07 2.13
N I4G A 13 -1.94 -2.56 3.23
CB I4G A 13 -3.30 -3.04 2.93
CG I4G A 13 -4.35 -1.91 3.03
CD1 I4G A 13 -5.41 -2.01 1.91
CD2 I4G A 13 -5.04 -1.96 4.40
CA I4G A 13 -1.64 -2.47 4.66
C I4G A 13 -1.45 -1.07 5.18
O I4G A 13 -0.63 -0.30 4.70
HB2 I4G A 13 -3.33 -3.48 1.92
HB3 I4G A 13 -3.55 -3.84 3.64
HG I4G A 13 -3.84 -0.95 2.94
HD13 I4G A 13 -5.92 -2.99 1.96
HD11 I4G A 13 -6.15 -1.23 2.02
HD12 I4G A 13 -4.95 -1.92 0.92
HD23 I4G A 13 -4.30 -1.85 5.21
HD22 I4G A 13 -5.55 -2.90 4.55
HD21 I4G A 13 -5.76 -1.14 4.51
HA2 I4G A 13 -2.45 -2.91 5.25
HA3 I4G A 13 -0.71 -3.02 4.89
N VAL A 14 -2.23 -0.75 6.21
CA VAL A 14 -2.14 0.56 6.86
C VAL A 14 -1.88 0.42 8.36
N GLY A 15 -1.65 -0.81 8.80
CA GLY A 15 -1.38 -1.05 10.20
C GLY A 15 -0.16 -0.29 10.70
N ALA A 16 0.82 -0.12 9.82
CA ALA A 16 2.04 0.60 10.18
C ALA A 16 1.73 1.99 10.70
N ILE A 17 1.06 2.79 9.87
CA ILE A 17 0.69 4.15 10.24
C ILE A 17 -0.18 4.17 11.48
N ALA A 18 -1.17 3.27 11.53
CA ALA A 18 -2.07 3.17 12.67
C ALA A 18 -1.30 2.93 13.96
N GLU A 19 -0.15 2.26 13.84
CA GLU A 19 0.66 1.95 15.00
C GLU A 19 1.31 3.21 15.57
N HIS A 20 1.40 4.24 14.73
CA HIS A 20 1.99 5.51 15.15
C HIS A 20 0.92 6.48 15.63
N PHE A 21 -0.28 6.33 15.10
CA PHE A 21 -1.40 7.20 15.47
C PHE A 21 -2.15 6.62 16.66
N NH2 A 22 -1.80 5.21 17.06
HN1 NH2 A 22 -1.08 4.75 16.50
HN2 NH2 A 22 -2.27 4.79 17.84
N GLY A 1 2.20 1.64 -15.65
CA GLY A 1 2.58 0.26 -15.85
C GLY A 1 2.24 -0.61 -14.66
N LEU A 2 3.17 -1.48 -14.29
CA LEU A 2 2.97 -2.38 -13.16
C LEU A 2 3.44 -1.74 -11.86
N PHE A 3 4.24 -0.68 -11.97
CA PHE A 3 4.76 0.02 -10.81
C PHE A 3 3.62 0.46 -9.89
N GLY A 4 2.44 0.64 -10.46
CA GLY A 4 1.29 1.05 -9.67
C GLY A 4 0.45 -0.13 -9.20
N VAL A 5 0.71 -1.30 -9.77
CA VAL A 5 -0.02 -2.50 -9.40
C VAL A 5 0.61 -3.18 -8.19
N LEU A 6 1.91 -3.41 -8.26
CA LEU A 6 2.64 -4.05 -7.17
C LEU A 6 2.70 -3.14 -5.95
N ALA A 7 2.71 -1.83 -6.19
CA ALA A 7 2.77 -0.85 -5.12
C ALA A 7 1.44 -0.78 -4.38
N LYS A 8 0.35 -0.92 -5.12
CA LYS A 8 -0.98 -0.87 -4.54
C LYS A 8 -1.15 -1.93 -3.46
N VAL A 9 -0.46 -3.05 -3.63
CA VAL A 9 -0.53 -4.15 -2.67
C VAL A 9 0.12 -3.76 -1.35
N ALA A 10 1.13 -2.90 -1.42
CA ALA A 10 1.83 -2.45 -0.23
C ALA A 10 1.05 -1.37 0.50
N ALA A 11 0.11 -0.74 -0.21
CA ALA A 11 -0.71 0.32 0.36
C ALA A 11 -1.97 -0.25 1.01
N HIS A 12 -2.19 -1.55 0.80
CA HIS A 12 -3.36 -2.22 1.36
C HIS A 12 -3.15 -2.53 2.85
N I4G A 13 -4.42 -2.59 3.71
CB I4G A 13 -5.76 -2.36 3.17
CG I4G A 13 -6.19 -0.87 3.30
CD1 I4G A 13 -6.75 -0.33 1.96
CD2 I4G A 13 -7.27 -0.73 4.40
CA I4G A 13 -4.39 -2.75 5.17
C I4G A 13 -4.26 -1.46 5.95
O I4G A 13 -3.69 -0.46 5.49
HB2 I4G A 13 -5.81 -2.66 2.12
HB3 I4G A 13 -6.47 -2.99 3.71
HG I4G A 13 -5.33 -0.28 3.59
HD13 I4G A 13 -7.59 -0.92 1.62
HD11 I4G A 13 -7.06 0.71 2.07
HD12 I4G A 13 -5.98 -0.36 1.18
HD23 I4G A 13 -6.88 -1.09 5.36
HD22 I4G A 13 -8.15 -1.31 4.15
HD21 I4G A 13 -7.56 0.32 4.52
HA2 I4G A 13 -5.31 -3.22 5.52
HA3 I4G A 13 -3.54 -3.37 5.47
N VAL A 14 -4.79 -1.49 7.18
CA VAL A 14 -4.72 -0.33 8.07
C VAL A 14 -3.57 -0.47 9.06
N GLY A 15 -2.77 -1.52 8.89
CA GLY A 15 -1.65 -1.75 9.78
C GLY A 15 -0.42 -0.98 9.38
N ALA A 16 -0.06 -1.05 8.11
CA ALA A 16 1.10 -0.34 7.59
C ALA A 16 0.99 1.15 7.84
N ILE A 17 -0.14 1.73 7.44
CA ILE A 17 -0.37 3.16 7.63
C ILE A 17 -0.31 3.55 9.10
N ALA A 18 -1.02 2.79 9.93
CA ALA A 18 -1.04 3.05 11.37
C ALA A 18 0.37 2.97 11.96
N GLU A 19 1.23 2.19 11.31
CA GLU A 19 2.60 2.01 11.78
C GLU A 19 3.45 3.23 11.43
N HIS A 20 3.00 3.99 10.44
CA HIS A 20 3.72 5.18 10.01
C HIS A 20 3.42 6.36 10.92
N PHE A 21 2.23 6.34 11.53
CA PHE A 21 1.82 7.42 12.43
C PHE A 21 1.48 6.86 13.80
N NH2 A 22 2.16 5.58 14.20
HN1 NH2 A 22 2.80 5.17 13.51
HN2 NH2 A 22 1.97 5.17 15.10
N GLY A 1 6.07 -1.52 -14.12
CA GLY A 1 6.87 -1.87 -12.97
C GLY A 1 6.05 -2.20 -11.75
N LEU A 2 6.54 -1.81 -10.57
CA LEU A 2 5.84 -2.06 -9.32
C LEU A 2 4.90 -0.90 -8.98
N PHE A 3 5.07 0.21 -9.69
CA PHE A 3 4.24 1.38 -9.46
C PHE A 3 2.76 1.03 -9.55
N GLY A 4 2.45 -0.01 -10.32
CA GLY A 4 1.06 -0.43 -10.47
C GLY A 4 0.68 -1.52 -9.49
N VAL A 5 1.68 -2.15 -8.88
CA VAL A 5 1.45 -3.22 -7.92
C VAL A 5 1.30 -2.67 -6.51
N LEU A 6 2.11 -1.66 -6.18
CA LEU A 6 2.07 -1.05 -4.87
C LEU A 6 0.72 -0.41 -4.60
N ALA A 7 0.04 0.00 -5.67
CA ALA A 7 -1.27 0.62 -5.55
C ALA A 7 -2.35 -0.42 -5.27
N LYS A 8 -2.12 -1.64 -5.74
CA LYS A 8 -3.07 -2.73 -5.53
C LYS A 8 -3.14 -3.13 -4.07
N VAL A 9 -2.02 -2.95 -3.36
CA VAL A 9 -1.95 -3.30 -1.95
C VAL A 9 -2.73 -2.30 -1.11
N ALA A 10 -2.80 -1.05 -1.58
CA ALA A 10 -3.52 -0.01 -0.86
C ALA A 10 -5.00 -0.38 -0.70
N ALA A 11 -5.47 -1.29 -1.52
CA ALA A 11 -6.86 -1.73 -1.47
C ALA A 11 -7.08 -2.71 -0.32
N HIS A 12 -6.00 -3.05 0.38
CA HIS A 12 -6.08 -3.98 1.50
C HIS A 12 -5.66 -3.30 2.80
N I4G A 13 -6.77 -2.63 3.62
CB I4G A 13 -8.18 -2.63 3.19
CG I4G A 13 -8.87 -3.98 3.48
CD1 I4G A 13 -9.41 -4.04 4.94
CD2 I4G A 13 -10.02 -4.22 2.49
CA I4G A 13 -6.52 -1.82 4.82
C I4G A 13 -5.41 -0.80 4.68
O I4G A 13 -4.69 -0.75 3.68
HB2 I4G A 13 -8.73 -1.82 3.69
HB3 I4G A 13 -8.22 -2.42 2.11
HG I4G A 13 -8.14 -4.79 3.36
HD13 I4G A 13 -10.12 -3.23 5.11
HD11 I4G A 13 -9.91 -4.99 5.12
HD12 I4G A 13 -8.60 -3.94 5.65
HD23 I4G A 13 -9.65 -4.20 1.46
HD22 I4G A 13 -10.78 -3.43 2.59
HD21 I4G A 13 -10.50 -5.18 2.67
HA2 I4G A 13 -7.41 -1.25 5.10
HA3 I4G A 13 -6.23 -2.46 5.66
N VAL A 14 -5.25 0.01 5.73
CA VAL A 14 -4.20 1.02 5.76
C VAL A 14 -3.63 1.17 7.17
N GLY A 15 -3.15 0.07 7.73
CA GLY A 15 -2.58 0.10 9.06
C GLY A 15 -1.10 0.39 9.05
N ALA A 16 -0.32 -0.54 8.53
CA ALA A 16 1.13 -0.38 8.46
C ALA A 16 1.50 0.95 7.82
N ILE A 17 0.73 1.36 6.82
CA ILE A 17 0.99 2.61 6.12
C ILE A 17 1.11 3.77 7.11
N ALA A 18 0.30 3.73 8.17
CA ALA A 18 0.33 4.77 9.18
C ALA A 18 1.57 4.66 10.04
N GLU A 19 1.90 3.45 10.45
CA GLU A 19 3.08 3.21 11.29
C GLU A 19 4.36 3.58 10.55
N HIS A 20 4.28 3.60 9.22
CA HIS A 20 5.43 3.93 8.39
C HIS A 20 5.63 5.45 8.31
N PHE A 21 4.51 6.17 8.19
CA PHE A 21 4.56 7.62 8.10
C PHE A 21 4.21 8.26 9.44
N NH2 A 22 4.37 7.38 10.66
HN1 NH2 A 22 4.68 6.43 10.49
HN2 NH2 A 22 4.15 7.75 11.57
#